data_6N8Y
#
_entry.id   6N8Y
#
_cell.length_a   67.144
_cell.length_b   90.959
_cell.length_c   96.196
_cell.angle_alpha   90.0
_cell.angle_beta   90.0
_cell.angle_gamma   90.0
#
_symmetry.space_group_name_H-M   'I 2 2 2'
#
loop_
_entity.id
_entity.type
_entity.pdbx_description
1 polymer 'Heat shock protein HSP 90-beta'
2 non-polymer 9-[(2E)-but-2-en-1-yl]-8-[(3,4,5-trimethoxyphenyl)methyl]-9H-purin-6-amine
3 water water
#
_entity_poly.entity_id   1
_entity_poly.type   'polypeptide(L)'
_entity_poly.pdbx_seq_one_letter_code
;MGSSHHHHHHSSGLVPRGSHMPEEVHHGEEEVETFAFQAEIAQLMSLIINTFYSNKEIFLRELISNASDALDKIRYESLT
DPSKLDSGKELKIDIIPNPQERTLTLVDTGIGMTKADLINNLGTIAKSGTKAFMEALQAGADISMIGQFGVGFYSAYLVA
EKVVVITKHNDDEQYAWESSAGGSFTVRADHGEPIGRGTKVILHLKEDQTEYLEERRVKEVVKKHSQFIGYPITLYLEKE
R
;
_entity_poly.pdbx_strand_id   A
#
loop_
_chem_comp.id
_chem_comp.type
_chem_comp.name
_chem_comp.formula
KFY non-polymer 9-[(2E)-but-2-en-1-yl]-8-[(3,4,5-trimethoxyphenyl)methyl]-9H-purin-6-amine 'C19 H23 N5 O3'
#
# COMPACT_ATOMS: atom_id res chain seq x y z
N GLU A 31 -9.00 -21.17 0.89
CA GLU A 31 -9.41 -21.08 2.28
C GLU A 31 -9.01 -19.74 2.90
N VAL A 32 -10.00 -19.00 3.36
CA VAL A 32 -9.79 -17.66 3.89
C VAL A 32 -9.55 -17.71 5.39
N GLU A 33 -8.45 -17.14 5.84
CA GLU A 33 -8.17 -17.06 7.27
C GLU A 33 -8.37 -15.62 7.74
N THR A 34 -9.10 -15.46 8.84
CA THR A 34 -9.40 -14.13 9.38
C THR A 34 -8.60 -13.89 10.66
N PHE A 35 -7.97 -12.72 10.73
CA PHE A 35 -7.10 -12.37 11.85
C PHE A 35 -7.47 -11.03 12.45
N ALA A 36 -7.25 -10.87 13.74
CA ALA A 36 -7.42 -9.58 14.39
C ALA A 36 -6.13 -8.77 14.31
N PHE A 37 -6.24 -7.50 13.94
CA PHE A 37 -5.13 -6.58 14.13
C PHE A 37 -4.77 -6.49 15.61
N GLN A 38 -3.51 -6.21 15.89
CA GLN A 38 -3.14 -5.78 17.24
C GLN A 38 -4.01 -4.57 17.62
N ALA A 39 -4.37 -4.46 18.88
CA ALA A 39 -5.27 -3.39 19.29
C ALA A 39 -4.79 -2.00 18.86
N GLU A 40 -3.49 -1.77 18.97
CA GLU A 40 -2.91 -0.47 18.64
C GLU A 40 -3.07 -0.13 17.16
N ILE A 41 -2.94 -1.13 16.30
N ILE A 41 -2.92 -1.15 16.31
CA ILE A 41 -3.09 -0.91 14.86
CA ILE A 41 -3.10 -0.98 14.87
C ILE A 41 -4.57 -0.67 14.51
C ILE A 41 -4.55 -0.66 14.55
N ALA A 42 -5.47 -1.40 15.18
CA ALA A 42 -6.89 -1.13 14.99
C ALA A 42 -7.23 0.29 15.41
N GLN A 43 -6.63 0.74 16.52
CA GLN A 43 -6.84 2.11 16.99
C GLN A 43 -6.36 3.13 15.95
N LEU A 44 -5.19 2.88 15.39
CA LEU A 44 -4.64 3.75 14.35
C LEU A 44 -5.56 3.81 13.13
N MET A 45 -6.04 2.66 12.69
CA MET A 45 -6.94 2.63 11.56
C MET A 45 -8.22 3.42 11.85
N SER A 46 -8.77 3.26 13.05
N SER A 46 -8.76 3.26 13.05
CA SER A 46 -9.96 4.03 13.40
CA SER A 46 -9.95 4.01 13.44
C SER A 46 -9.69 5.53 13.40
C SER A 46 -9.69 5.52 13.41
N LEU A 47 -8.52 5.93 13.87
CA LEU A 47 -8.17 7.34 13.88
C LEU A 47 -8.10 7.88 12.44
N ILE A 48 -7.51 7.09 11.55
CA ILE A 48 -7.36 7.52 10.17
C ILE A 48 -8.72 7.62 9.49
N ILE A 49 -9.61 6.70 9.82
CA ILE A 49 -10.95 6.72 9.24
C ILE A 49 -11.85 7.82 9.86
N ASN A 50 -11.72 8.08 11.15
CA ASN A 50 -12.70 8.94 11.82
C ASN A 50 -12.27 10.39 12.06
N THR A 51 -10.97 10.68 11.96
CA THR A 51 -10.49 12.05 12.17
C THR A 51 -10.83 12.94 10.97
N PHE A 52 -11.32 14.14 11.24
CA PHE A 52 -11.55 15.11 10.16
C PHE A 52 -10.21 15.65 9.69
N TYR A 53 -9.86 15.34 8.44
CA TYR A 53 -8.56 15.71 7.89
C TYR A 53 -8.67 15.81 6.37
N SER A 54 -8.60 17.02 5.82
CA SER A 54 -8.96 17.19 4.41
C SER A 54 -7.84 16.86 3.40
N ASN A 55 -6.59 16.86 3.87
CA ASN A 55 -5.42 16.69 3.00
C ASN A 55 -5.16 15.22 2.70
N LYS A 56 -6.17 14.56 2.14
CA LYS A 56 -6.13 13.10 1.96
C LYS A 56 -5.17 12.63 0.88
N GLU A 57 -4.79 13.52 -0.03
CA GLU A 57 -3.99 13.12 -1.21
C GLU A 57 -2.63 12.54 -0.84
N ILE A 58 -2.20 12.75 0.40
CA ILE A 58 -0.90 12.23 0.82
C ILE A 58 -0.84 10.69 0.77
N PHE A 59 -1.98 10.02 0.69
CA PHE A 59 -1.95 8.56 0.60
C PHE A 59 -1.11 8.11 -0.59
N LEU A 60 -1.14 8.88 -1.67
CA LEU A 60 -0.51 8.41 -2.91
C LEU A 60 1.00 8.43 -2.76
N ARG A 61 1.54 9.49 -2.18
CA ARG A 61 2.96 9.57 -1.90
C ARG A 61 3.42 8.39 -1.03
N GLU A 62 2.62 8.05 -0.01
CA GLU A 62 3.00 6.99 0.87
C GLU A 62 3.04 5.62 0.17
N LEU A 63 2.04 5.36 -0.68
CA LEU A 63 1.99 4.06 -1.33
C LEU A 63 3.05 3.98 -2.43
N ILE A 64 3.32 5.10 -3.10
CA ILE A 64 4.41 5.12 -4.09
C ILE A 64 5.77 4.91 -3.41
N SER A 65 5.96 5.53 -2.25
N SER A 65 5.95 5.54 -2.26
CA SER A 65 7.21 5.33 -1.53
CA SER A 65 7.16 5.38 -1.46
C SER A 65 7.38 3.89 -1.07
C SER A 65 7.37 3.91 -1.10
N ASN A 66 6.28 3.25 -0.69
CA ASN A 66 6.35 1.85 -0.32
C ASN A 66 6.79 1.00 -1.50
N ALA A 67 6.22 1.31 -2.67
CA ALA A 67 6.57 0.59 -3.90
C ALA A 67 8.05 0.82 -4.22
N SER A 68 8.48 2.07 -4.11
CA SER A 68 9.88 2.41 -4.37
C SER A 68 10.83 1.66 -3.43
N ASP A 69 10.48 1.61 -2.15
CA ASP A 69 11.29 0.87 -1.19
C ASP A 69 11.41 -0.61 -1.58
N ALA A 70 10.30 -1.20 -2.02
CA ALA A 70 10.28 -2.60 -2.39
C ALA A 70 11.13 -2.88 -3.63
N LEU A 71 11.12 -1.92 -4.55
CA LEU A 71 11.91 -2.00 -5.76
C LEU A 71 13.38 -1.88 -5.41
N ASP A 72 13.70 -0.94 -4.51
CA ASP A 72 15.08 -0.77 -4.05
C ASP A 72 15.59 -2.09 -3.47
N LYS A 73 14.74 -2.78 -2.71
CA LYS A 73 15.17 -3.96 -2.01
C LYS A 73 15.47 -5.12 -2.99
N ILE A 74 14.60 -5.37 -3.96
CA ILE A 74 14.89 -6.45 -4.89
C ILE A 74 16.09 -6.10 -5.77
N ARG A 75 16.24 -4.82 -6.12
CA ARG A 75 17.38 -4.41 -6.94
C ARG A 75 18.68 -4.67 -6.19
N TYR A 76 18.73 -4.28 -4.92
CA TYR A 76 19.93 -4.50 -4.12
C TYR A 76 20.25 -5.99 -3.99
N GLU A 77 19.24 -6.78 -3.65
CA GLU A 77 19.45 -8.22 -3.47
C GLU A 77 19.91 -8.89 -4.76
N SER A 78 19.45 -8.39 -5.90
CA SER A 78 19.78 -9.00 -7.19
C SER A 78 21.26 -8.87 -7.53
N LEU A 79 21.94 -7.93 -6.89
CA LEU A 79 23.37 -7.74 -7.18
C LEU A 79 24.23 -8.91 -6.69
N THR A 80 23.83 -9.54 -5.59
CA THR A 80 24.57 -10.70 -5.09
C THR A 80 23.91 -12.03 -5.49
N ASP A 81 22.65 -11.97 -5.88
CA ASP A 81 21.92 -13.15 -6.36
C ASP A 81 21.06 -12.75 -7.56
N PRO A 82 21.64 -12.80 -8.77
CA PRO A 82 20.92 -12.38 -9.98
C PRO A 82 19.68 -13.23 -10.27
N SER A 83 19.63 -14.44 -9.73
CA SER A 83 18.49 -15.32 -9.95
C SER A 83 17.21 -14.75 -9.33
N LYS A 84 17.36 -13.77 -8.45
CA LYS A 84 16.18 -13.17 -7.84
C LYS A 84 15.34 -12.38 -8.84
N LEU A 85 15.89 -12.09 -10.01
CA LEU A 85 15.15 -11.42 -11.05
C LEU A 85 14.60 -12.39 -12.11
N ASP A 86 14.75 -13.69 -11.87
CA ASP A 86 14.18 -14.68 -12.79
C ASP A 86 12.66 -14.52 -12.87
N SER A 87 12.08 -13.91 -11.84
CA SER A 87 10.64 -13.72 -11.77
C SER A 87 10.18 -12.42 -12.42
N GLY A 88 11.12 -11.71 -13.05
CA GLY A 88 10.81 -10.49 -13.76
C GLY A 88 11.95 -9.48 -13.64
N LYS A 89 12.49 -9.04 -14.77
CA LYS A 89 13.61 -8.11 -14.76
C LYS A 89 13.17 -6.66 -14.59
N GLU A 90 11.98 -6.31 -15.07
CA GLU A 90 11.57 -4.91 -15.10
C GLU A 90 11.21 -4.39 -13.72
N LEU A 91 11.76 -3.23 -13.36
CA LEU A 91 11.48 -2.56 -12.09
C LEU A 91 10.63 -1.33 -12.36
N LYS A 92 9.35 -1.41 -12.04
CA LYS A 92 8.42 -0.35 -12.43
C LYS A 92 7.25 -0.22 -11.47
N ILE A 93 6.52 0.89 -11.62
CA ILE A 93 5.29 1.18 -10.87
C ILE A 93 4.22 1.60 -11.87
N ASP A 94 3.06 0.96 -11.81
CA ASP A 94 1.91 1.34 -12.64
C ASP A 94 0.80 1.81 -11.73
N ILE A 95 0.12 2.88 -12.13
CA ILE A 95 -1.01 3.38 -11.35
C ILE A 95 -2.23 3.39 -12.26
N ILE A 96 -3.27 2.64 -11.89
CA ILE A 96 -4.36 2.33 -12.80
C ILE A 96 -5.70 2.69 -12.17
N PRO A 97 -6.37 3.73 -12.68
CA PRO A 97 -7.69 4.12 -12.21
C PRO A 97 -8.77 3.38 -12.98
N ASN A 98 -9.77 2.85 -12.28
CA ASN A 98 -10.91 2.24 -12.92
C ASN A 98 -12.19 2.81 -12.32
N PRO A 99 -12.77 3.83 -12.98
CA PRO A 99 -13.97 4.52 -12.46
C PRO A 99 -15.17 3.59 -12.26
N GLN A 100 -15.32 2.60 -13.14
CA GLN A 100 -16.45 1.69 -13.08
C GLN A 100 -16.36 0.75 -11.88
N GLU A 101 -15.15 0.30 -11.58
CA GLU A 101 -14.93 -0.58 -10.43
C GLU A 101 -14.71 0.25 -9.17
N ARG A 102 -14.60 1.57 -9.33
CA ARG A 102 -14.27 2.47 -8.23
C ARG A 102 -12.96 2.06 -7.54
N THR A 103 -11.96 1.67 -8.33
CA THR A 103 -10.68 1.27 -7.77
C THR A 103 -9.52 2.10 -8.33
N LEU A 104 -8.56 2.36 -7.47
CA LEU A 104 -7.24 2.85 -7.88
C LEU A 104 -6.21 1.81 -7.47
N THR A 105 -5.46 1.31 -8.45
CA THR A 105 -4.52 0.22 -8.22
C THR A 105 -3.09 0.69 -8.43
N LEU A 106 -2.23 0.38 -7.47
CA LEU A 106 -0.79 0.65 -7.61
C LEU A 106 -0.06 -0.67 -7.70
N VAL A 107 0.57 -0.91 -8.84
CA VAL A 107 1.27 -2.17 -9.11
C VAL A 107 2.76 -1.93 -9.13
N ASP A 108 3.52 -2.67 -8.34
CA ASP A 108 4.98 -2.60 -8.44
C ASP A 108 5.56 -3.98 -8.66
N THR A 109 6.77 -4.03 -9.21
CA THR A 109 7.48 -5.28 -9.40
C THR A 109 8.64 -5.39 -8.41
N GLY A 110 8.40 -4.90 -7.21
CA GLY A 110 9.37 -4.97 -6.13
C GLY A 110 9.48 -6.34 -5.49
N ILE A 111 10.02 -6.37 -4.28
CA ILE A 111 10.37 -7.63 -3.63
C ILE A 111 9.14 -8.47 -3.22
N GLY A 112 7.99 -7.83 -3.08
CA GLY A 112 6.81 -8.55 -2.63
C GLY A 112 6.81 -8.86 -1.13
N MET A 113 5.74 -9.49 -0.67
CA MET A 113 5.59 -9.86 0.74
C MET A 113 5.23 -11.34 0.89
N THR A 114 5.79 -11.96 1.92
CA THR A 114 5.51 -13.35 2.27
C THR A 114 4.25 -13.48 3.12
N LYS A 115 3.76 -14.70 3.28
CA LYS A 115 2.64 -14.94 4.19
C LYS A 115 2.99 -14.49 5.60
N ALA A 116 4.23 -14.77 6.02
CA ALA A 116 4.69 -14.37 7.36
C ALA A 116 4.71 -12.85 7.51
N ASP A 117 5.12 -12.14 6.46
CA ASP A 117 5.02 -10.67 6.45
C ASP A 117 3.59 -10.22 6.75
N LEU A 118 2.66 -10.77 5.98
CA LEU A 118 1.26 -10.32 5.99
C LEU A 118 0.56 -10.57 7.30
N ILE A 119 0.83 -11.71 7.92
CA ILE A 119 0.15 -12.09 9.16
C ILE A 119 0.87 -11.58 10.40
N ASN A 120 2.19 -11.71 10.40
CA ASN A 120 2.96 -11.50 11.64
C ASN A 120 3.97 -10.36 11.61
N ASN A 121 4.86 -10.37 10.63
CA ASN A 121 6.09 -9.65 10.83
C ASN A 121 5.96 -8.15 10.55
N LEU A 122 5.16 -7.76 9.56
CA LEU A 122 4.97 -6.34 9.30
C LEU A 122 4.28 -5.66 10.48
N GLY A 123 3.31 -6.37 11.08
CA GLY A 123 2.59 -5.84 12.23
C GLY A 123 3.45 -5.74 13.47
N THR A 124 4.33 -6.72 13.67
CA THR A 124 5.25 -6.70 14.80
C THR A 124 6.15 -5.46 14.73
N ILE A 125 6.68 -5.20 13.55
CA ILE A 125 7.47 -3.99 13.33
C ILE A 125 6.62 -2.74 13.51
N ALA A 126 5.40 -2.77 12.99
CA ALA A 126 4.51 -1.61 12.98
C ALA A 126 4.05 -1.15 14.37
N LYS A 127 4.10 -2.04 15.36
CA LYS A 127 3.56 -1.69 16.66
C LYS A 127 4.27 -0.45 17.24
N SER A 128 5.60 -0.43 17.18
CA SER A 128 6.33 0.68 17.80
C SER A 128 6.13 1.99 17.01
N GLY A 129 6.11 1.90 15.68
CA GLY A 129 5.87 3.06 14.85
C GLY A 129 4.49 3.64 15.09
N THR A 130 3.53 2.74 15.28
CA THR A 130 2.16 3.16 15.55
C THR A 130 2.09 3.93 16.86
N LYS A 131 2.72 3.39 17.89
CA LYS A 131 2.76 4.06 19.20
C LYS A 131 3.41 5.44 19.11
N ALA A 132 4.55 5.53 18.43
CA ALA A 132 5.24 6.79 18.27
C ALA A 132 4.41 7.80 17.47
N PHE A 133 3.73 7.35 16.43
CA PHE A 133 2.90 8.25 15.62
C PHE A 133 1.73 8.80 16.42
N MET A 134 1.07 7.91 17.16
CA MET A 134 -0.07 8.31 17.98
C MET A 134 0.34 9.36 19.01
N GLU A 135 1.51 9.15 19.61
CA GLU A 135 2.04 10.10 20.58
C GLU A 135 2.38 11.42 19.91
N ALA A 136 2.95 11.36 18.71
CA ALA A 136 3.31 12.56 17.96
C ALA A 136 2.07 13.40 17.61
N LEU A 137 0.98 12.72 17.27
CA LEU A 137 -0.27 13.39 16.94
C LEU A 137 -0.81 14.15 18.15
N GLN A 138 -0.72 13.52 19.32
CA GLN A 138 -1.18 14.14 20.57
C GLN A 138 -0.36 15.38 20.92
N ALA A 139 0.89 15.40 20.47
CA ALA A 139 1.81 16.51 20.73
C ALA A 139 1.81 17.56 19.60
N GLY A 140 0.92 17.41 18.65
CA GLY A 140 0.73 18.45 17.64
C GLY A 140 1.06 18.11 16.20
N ALA A 141 1.62 16.93 15.96
CA ALA A 141 1.91 16.50 14.60
C ALA A 141 0.61 16.33 13.82
N ASP A 142 0.70 16.32 12.49
CA ASP A 142 -0.49 16.04 11.72
C ASP A 142 -0.32 14.75 10.94
N ILE A 143 -1.43 14.26 10.44
CA ILE A 143 -1.50 12.96 9.79
C ILE A 143 -0.54 12.82 8.60
N SER A 144 -0.18 13.93 7.95
CA SER A 144 0.71 13.86 6.78
C SER A 144 2.14 13.40 7.14
N MET A 145 2.46 13.38 8.43
CA MET A 145 3.77 12.92 8.88
C MET A 145 3.84 11.41 9.11
N ILE A 146 2.75 10.72 8.81
CA ILE A 146 2.61 9.29 9.07
C ILE A 146 3.74 8.39 8.52
N GLY A 147 4.29 8.76 7.36
CA GLY A 147 5.30 7.94 6.73
C GLY A 147 6.61 7.81 7.50
N GLN A 148 6.89 8.81 8.33
CA GLN A 148 8.13 8.82 9.11
C GLN A 148 8.10 7.74 10.18
N PHE A 149 6.92 7.20 10.43
CA PHE A 149 6.75 6.22 11.49
C PHE A 149 6.55 4.80 10.96
N GLY A 150 6.69 4.63 9.64
CA GLY A 150 6.69 3.32 9.04
C GLY A 150 5.31 2.73 8.84
N VAL A 151 4.29 3.53 9.10
CA VAL A 151 2.91 3.04 8.98
C VAL A 151 2.13 3.81 7.91
N GLY A 152 2.86 4.39 6.95
CA GLY A 152 2.22 5.11 5.87
C GLY A 152 1.25 4.30 5.03
N PHE A 153 1.44 2.97 4.98
CA PHE A 153 0.46 2.10 4.32
C PHE A 153 -0.97 2.43 4.75
N TYR A 154 -1.15 2.64 6.04
CA TYR A 154 -2.50 2.79 6.57
C TYR A 154 -3.16 4.10 6.18
N SER A 155 -2.39 5.03 5.60
CA SER A 155 -2.98 6.23 5.01
C SER A 155 -3.92 5.90 3.84
N ALA A 156 -3.83 4.68 3.32
CA ALA A 156 -4.76 4.23 2.30
C ALA A 156 -6.21 4.41 2.75
N TYR A 157 -6.44 4.27 4.05
CA TYR A 157 -7.81 4.34 4.57
C TYR A 157 -8.33 5.76 4.67
N LEU A 158 -7.51 6.75 4.31
CA LEU A 158 -8.01 8.11 4.10
C LEU A 158 -8.98 8.14 2.92
N VAL A 159 -8.73 7.31 1.93
CA VAL A 159 -9.55 7.35 0.72
C VAL A 159 -10.24 6.04 0.38
N ALA A 160 -9.80 4.93 0.97
CA ALA A 160 -10.34 3.62 0.64
C ALA A 160 -11.22 3.07 1.75
N GLU A 161 -12.35 2.49 1.36
CA GLU A 161 -13.19 1.77 2.32
C GLU A 161 -12.70 0.33 2.49
N LYS A 162 -12.03 -0.18 1.47
CA LYS A 162 -11.48 -1.54 1.49
C LYS A 162 -10.17 -1.52 0.71
N VAL A 163 -9.15 -2.20 1.23
CA VAL A 163 -7.89 -2.37 0.51
C VAL A 163 -7.63 -3.85 0.29
N VAL A 164 -7.30 -4.22 -0.95
CA VAL A 164 -6.92 -5.58 -1.28
C VAL A 164 -5.50 -5.52 -1.78
N VAL A 165 -4.63 -6.36 -1.22
CA VAL A 165 -3.23 -6.40 -1.61
C VAL A 165 -2.92 -7.79 -2.15
N ILE A 166 -2.57 -7.86 -3.43
CA ILE A 166 -2.12 -9.09 -4.07
C ILE A 166 -0.60 -9.03 -4.10
N THR A 167 0.07 -10.05 -3.59
CA THR A 167 1.51 -9.92 -3.47
C THR A 167 2.22 -11.26 -3.68
N LYS A 168 3.43 -11.19 -4.22
CA LYS A 168 4.20 -12.38 -4.54
C LYS A 168 5.68 -12.11 -4.29
N HIS A 169 6.24 -12.89 -3.38
CA HIS A 169 7.65 -12.84 -3.01
C HIS A 169 8.31 -14.08 -3.59
N ASN A 170 9.56 -13.97 -4.01
CA ASN A 170 10.30 -15.17 -4.42
C ASN A 170 10.28 -16.19 -3.27
N ASP A 171 10.21 -17.48 -3.59
CA ASP A 171 10.20 -18.54 -2.57
C ASP A 171 8.99 -18.49 -1.61
N ASP A 172 7.90 -17.88 -2.06
CA ASP A 172 6.60 -18.06 -1.39
C ASP A 172 5.54 -17.99 -2.48
N GLU A 173 4.31 -18.36 -2.12
CA GLU A 173 3.18 -18.32 -3.05
C GLU A 173 2.58 -16.94 -3.16
N GLN A 174 1.70 -16.75 -4.15
CA GLN A 174 0.98 -15.50 -4.30
C GLN A 174 -0.15 -15.47 -3.26
N TYR A 175 -0.30 -14.32 -2.57
CA TYR A 175 -1.36 -14.19 -1.55
C TYR A 175 -2.22 -12.99 -1.78
N ALA A 176 -3.45 -13.04 -1.25
CA ALA A 176 -4.31 -11.88 -1.17
C ALA A 176 -4.54 -11.53 0.30
N TRP A 177 -4.19 -10.30 0.65
CA TRP A 177 -4.51 -9.70 1.94
C TRP A 177 -5.66 -8.73 1.75
N GLU A 178 -6.59 -8.67 2.69
CA GLU A 178 -7.71 -7.74 2.55
C GLU A 178 -8.14 -7.18 3.90
N SER A 179 -8.47 -5.89 3.95
CA SER A 179 -9.12 -5.36 5.14
C SER A 179 -10.02 -4.18 4.81
N SER A 180 -11.20 -4.17 5.44
CA SER A 180 -12.10 -3.04 5.44
C SER A 180 -12.10 -2.39 6.81
N ALA A 181 -10.97 -2.51 7.50
CA ALA A 181 -10.83 -2.11 8.90
C ALA A 181 -11.80 -2.89 9.77
N GLY A 182 -12.38 -2.25 10.77
CA GLY A 182 -13.26 -2.97 11.67
C GLY A 182 -12.54 -4.01 12.51
N GLY A 183 -11.22 -3.89 12.60
CA GLY A 183 -10.43 -4.69 13.52
C GLY A 183 -9.84 -5.97 12.96
N SER A 184 -10.16 -6.30 11.72
CA SER A 184 -9.74 -7.58 11.16
C SER A 184 -9.18 -7.46 9.75
N PHE A 185 -8.37 -8.44 9.37
CA PHE A 185 -7.91 -8.61 8.00
C PHE A 185 -7.97 -10.09 7.62
N THR A 186 -8.00 -10.39 6.33
CA THR A 186 -7.94 -11.77 5.88
C THR A 186 -6.70 -12.00 5.03
N VAL A 187 -6.22 -13.23 5.03
CA VAL A 187 -5.14 -13.64 4.14
C VAL A 187 -5.55 -14.97 3.51
N ARG A 188 -5.43 -15.06 2.19
CA ARG A 188 -5.71 -16.30 1.48
C ARG A 188 -4.70 -16.52 0.38
N ALA A 189 -4.41 -17.77 0.04
CA ALA A 189 -3.67 -18.07 -1.18
C ALA A 189 -4.46 -17.55 -2.36
N ASP A 190 -3.79 -16.86 -3.28
CA ASP A 190 -4.46 -16.25 -4.42
C ASP A 190 -4.22 -17.07 -5.68
N HIS A 191 -5.30 -17.52 -6.30
CA HIS A 191 -5.19 -18.32 -7.52
C HIS A 191 -5.61 -17.51 -8.73
N GLY A 192 -5.65 -16.20 -8.59
CA GLY A 192 -5.90 -15.31 -9.70
C GLY A 192 -4.68 -15.25 -10.61
N GLU A 193 -4.70 -14.33 -11.56
CA GLU A 193 -3.59 -14.18 -12.49
C GLU A 193 -2.27 -13.98 -11.73
N PRO A 194 -1.26 -14.81 -12.05
CA PRO A 194 0.05 -14.66 -11.42
C PRO A 194 0.67 -13.31 -11.74
N ILE A 195 1.23 -12.65 -10.75
CA ILE A 195 1.90 -11.38 -11.00
C ILE A 195 3.42 -11.52 -11.10
N GLY A 196 3.93 -12.74 -10.91
CA GLY A 196 5.34 -13.00 -11.10
C GLY A 196 6.19 -12.65 -9.90
N ARG A 197 6.22 -11.37 -9.56
CA ARG A 197 6.86 -10.89 -8.35
C ARG A 197 6.38 -9.47 -8.11
N GLY A 198 6.09 -9.12 -6.87
CA GLY A 198 5.76 -7.75 -6.55
C GLY A 198 4.46 -7.62 -5.79
N THR A 199 3.83 -6.47 -5.93
CA THR A 199 2.65 -6.14 -5.14
C THR A 199 1.68 -5.28 -5.91
N LYS A 200 0.41 -5.63 -5.81
CA LYS A 200 -0.68 -4.89 -6.38
C LYS A 200 -1.56 -4.40 -5.23
N VAL A 201 -1.57 -3.10 -4.99
CA VAL A 201 -2.39 -2.50 -3.95
C VAL A 201 -3.67 -1.95 -4.58
N ILE A 202 -4.79 -2.59 -4.29
CA ILE A 202 -6.05 -2.23 -4.92
C ILE A 202 -6.90 -1.46 -3.93
N LEU A 203 -7.10 -0.16 -4.20
CA LEU A 203 -7.85 0.71 -3.31
C LEU A 203 -9.29 0.79 -3.80
N HIS A 204 -10.22 0.30 -2.98
CA HIS A 204 -11.64 0.46 -3.26
C HIS A 204 -12.08 1.77 -2.63
N LEU A 205 -12.27 2.79 -3.45
CA LEU A 205 -12.42 4.16 -2.93
C LEU A 205 -13.77 4.44 -2.31
N LYS A 206 -13.75 5.28 -1.27
CA LYS A 206 -14.98 5.81 -0.69
C LYS A 206 -15.73 6.65 -1.72
N GLU A 207 -17.05 6.75 -1.53
CA GLU A 207 -17.91 7.43 -2.49
C GLU A 207 -17.50 8.86 -2.78
N ASP A 208 -16.98 9.57 -1.79
CA ASP A 208 -16.68 10.97 -2.00
C ASP A 208 -15.22 11.21 -2.37
N GLN A 209 -14.50 10.14 -2.69
CA GLN A 209 -13.09 10.28 -3.05
C GLN A 209 -12.83 9.89 -4.50
N THR A 210 -13.85 10.02 -5.35
CA THR A 210 -13.72 9.58 -6.73
C THR A 210 -12.80 10.47 -7.56
N GLU A 211 -12.34 11.58 -7.00
CA GLU A 211 -11.41 12.44 -7.74
C GLU A 211 -10.14 11.68 -8.10
N TYR A 212 -9.81 10.68 -7.29
CA TYR A 212 -8.56 9.94 -7.50
C TYR A 212 -8.73 8.83 -8.54
N LEU A 213 -9.91 8.78 -9.18
CA LEU A 213 -10.13 7.88 -10.30
C LEU A 213 -9.88 8.54 -11.65
N GLU A 214 -9.45 9.80 -11.61
CA GLU A 214 -9.09 10.54 -12.83
C GLU A 214 -7.59 10.71 -12.94
N GLU A 215 -7.02 10.29 -14.06
CA GLU A 215 -5.58 10.40 -14.27
C GLU A 215 -5.06 11.84 -14.09
N ARG A 216 -5.87 12.81 -14.48
CA ARG A 216 -5.55 14.22 -14.32
C ARG A 216 -5.22 14.59 -12.86
N ARG A 217 -6.06 14.11 -11.96
CA ARG A 217 -5.86 14.37 -10.55
C ARG A 217 -4.66 13.57 -10.03
N VAL A 218 -4.56 12.32 -10.45
CA VAL A 218 -3.44 11.49 -10.03
C VAL A 218 -2.12 12.08 -10.50
N LYS A 219 -2.09 12.58 -11.73
CA LYS A 219 -0.87 13.21 -12.26
C LYS A 219 -0.46 14.44 -11.43
N GLU A 220 -1.44 15.26 -11.08
CA GLU A 220 -1.19 16.41 -10.23
C GLU A 220 -0.55 16.01 -8.91
N VAL A 221 -1.09 14.96 -8.29
CA VAL A 221 -0.57 14.52 -7.00
C VAL A 221 0.83 13.93 -7.12
N VAL A 222 1.06 13.13 -8.16
CA VAL A 222 2.37 12.56 -8.39
C VAL A 222 3.44 13.64 -8.62
N LYS A 223 3.10 14.62 -9.46
CA LYS A 223 4.03 15.71 -9.74
C LYS A 223 4.37 16.50 -8.47
N LYS A 224 3.37 16.74 -7.62
CA LYS A 224 3.57 17.49 -6.39
C LYS A 224 4.43 16.75 -5.34
N HIS A 225 4.21 15.45 -5.18
CA HIS A 225 4.80 14.72 -4.05
C HIS A 225 5.78 13.59 -4.39
N SER A 226 5.80 13.15 -5.65
CA SER A 226 6.55 11.95 -6.02
C SER A 226 7.34 12.10 -7.32
N GLN A 227 7.77 13.31 -7.62
CA GLN A 227 8.36 13.59 -8.94
C GLN A 227 9.77 13.03 -9.14
N PHE A 228 10.45 12.67 -8.06
CA PHE A 228 11.84 12.20 -8.18
C PHE A 228 12.03 10.71 -7.86
N ILE A 229 10.93 9.96 -7.77
CA ILE A 229 11.01 8.52 -7.58
C ILE A 229 11.83 7.88 -8.72
N GLY A 230 12.76 6.99 -8.35
CA GLY A 230 13.76 6.47 -9.28
C GLY A 230 13.37 5.24 -10.07
N TYR A 231 12.07 5.13 -10.39
CA TYR A 231 11.52 4.06 -11.20
C TYR A 231 10.45 4.67 -12.09
N PRO A 232 10.25 4.09 -13.28
CA PRO A 232 9.21 4.64 -14.14
C PRO A 232 7.82 4.43 -13.56
N ILE A 233 7.08 5.52 -13.41
CA ILE A 233 5.70 5.48 -12.94
C ILE A 233 4.78 5.78 -14.11
N THR A 234 4.06 4.75 -14.56
CA THR A 234 3.15 4.92 -15.67
C THR A 234 1.76 5.17 -15.13
N LEU A 235 1.21 6.34 -15.43
CA LEU A 235 -0.13 6.69 -15.00
C LEU A 235 -1.12 6.35 -16.11
N TYR A 236 -1.88 5.28 -15.92
CA TYR A 236 -2.85 4.88 -16.92
C TYR A 236 -4.00 5.88 -16.98
N LEU A 237 -4.50 6.08 -18.19
CA LEU A 237 -5.68 6.88 -18.38
C LEU A 237 -6.92 6.00 -18.30
N GLU A 238 -7.94 6.47 -17.61
CA GLU A 238 -9.21 5.77 -17.60
C GLU A 238 -9.75 5.71 -19.03
N LYS A 239 -10.33 4.57 -19.42
CA LYS A 239 -10.88 4.43 -20.75
C LYS A 239 -12.21 5.16 -20.86
N GLU A 240 -12.95 5.20 -19.75
CA GLU A 240 -14.25 5.87 -19.73
C GLU A 240 -14.45 6.62 -18.41
C4 KFY B . 5.47 -3.53 1.19
C5 KFY B . 4.77 -2.87 0.23
C6 KFY B . 5.06 -3.12 -1.08
C8 KFY B . 4.09 -2.23 2.17
N1 KFY B . 5.98 -4.04 -1.42
N3 KFY B . 6.40 -4.44 0.90
CAA KFY B . 7.29 -1.04 6.13
CAF KFY B . 6.29 -2.06 5.56
CAG KFY B . 6.59 -2.60 4.18
CAK KFY B . 5.57 -3.62 3.66
N9 KFY B . 5.04 -3.13 2.38
C2 KFY B . 6.67 -4.72 -0.43
N6 KFY B . 4.42 -2.46 -2.07
N7 KFY B . 3.92 -2.04 0.87
CAL KFY B . 3.33 -1.48 3.28
CAS KFY B . 2.61 -2.33 4.20
CAJ KFY B . 2.71 -2.04 5.58
CAI KFY B . 1.85 -3.42 3.78
CAU KFY B . 1.18 -4.22 4.72
OAP KFY B . 0.42 -5.30 4.39
CAB KFY B . 0.04 -5.40 3.03
CAX KFY B . 1.27 -3.91 6.08
OAR KFY B . 0.65 -4.67 7.05
CAD KFY B . -0.79 -4.70 6.98
CAV KFY B . 2.04 -2.84 6.51
OAQ KFY B . 2.06 -2.62 7.87
CAC KFY B . 2.81 -1.46 8.25
#